data_6H87
#
_entry.id   6H87
#
_cell.length_a   53.137
_cell.length_b   53.137
_cell.length_c   64.465
_cell.angle_alpha   90.00
_cell.angle_beta   90.00
_cell.angle_gamma   120.00
#
_symmetry.space_group_name_H-M   'P 31 2 1'
#
loop_
_entity.id
_entity.type
_entity.pdbx_description
1 polymer 'Magnetosome protein MamM, Cation efflux protein family'
2 non-polymer 'ZINC ION'
3 non-polymer BETA-MERCAPTOETHANOL
4 non-polymer 'CARBON DIOXIDE'
5 water water
#
_entity_poly.entity_id   1
_entity_poly.type   'polypeptide(L)'
_entity_poly.pdbx_seq_one_letter_code
;GSHMEAVQNRIVEAAERVPGVRGVIHLRARYVGQDIWANMIIGVDPENTVEQAHEICEAVQAAVCGKIRRIESLHVSAEA
REIGDTTKPSFSDQPLSFDEVMLSKVDN
;
_entity_poly.pdbx_strand_id   A
#
loop_
_chem_comp.id
_chem_comp.type
_chem_comp.name
_chem_comp.formula
BME non-polymer BETA-MERCAPTOETHANOL 'C2 H6 O S'
CO2 non-polymer 'CARBON DIOXIDE' 'C O2'
ZN non-polymer 'ZINC ION' 'Zn 2'
#
# COMPACT_ATOMS: atom_id res chain seq x y z
N GLY A 1 10.37 2.12 -18.21
CA GLY A 1 9.95 1.75 -16.84
C GLY A 1 8.70 0.90 -16.65
N SER A 2 8.20 0.25 -17.70
CA SER A 2 6.92 -0.51 -17.62
C SER A 2 6.95 -1.60 -16.62
N HIS A 3 8.10 -2.23 -16.37
CA HIS A 3 8.06 -3.40 -15.46
C HIS A 3 7.64 -2.96 -14.08
N MET A 4 8.27 -1.92 -13.55
CA MET A 4 7.96 -1.47 -12.20
C MET A 4 6.67 -0.67 -12.24
N GLU A 5 6.35 -0.02 -13.34
CA GLU A 5 5.03 0.65 -13.43
C GLU A 5 3.91 -0.31 -13.26
N ALA A 6 4.02 -1.45 -13.88
CA ALA A 6 2.93 -2.40 -13.86
C ALA A 6 2.88 -2.95 -12.47
N VAL A 7 4.02 -3.20 -11.83
CA VAL A 7 3.99 -3.76 -10.47
C VAL A 7 3.35 -2.73 -9.51
N GLN A 8 3.76 -1.46 -9.61
CA GLN A 8 3.22 -0.46 -8.69
C GLN A 8 1.76 -0.23 -8.93
N ASN A 9 1.31 -0.26 -10.14
CA ASN A 9 -0.11 -0.13 -10.45
C ASN A 9 -0.90 -1.23 -9.78
N ARG A 10 -0.37 -2.46 -9.83
CA ARG A 10 -1.08 -3.61 -9.30
CA ARG A 10 -1.02 -3.65 -9.27
C ARG A 10 -1.08 -3.53 -7.76
N ILE A 11 0.02 -3.05 -7.17
CA ILE A 11 0.07 -2.88 -5.71
C ILE A 11 -0.97 -1.88 -5.31
N VAL A 12 -1.04 -0.72 -5.95
CA VAL A 12 -2.00 0.29 -5.56
C VAL A 12 -3.42 -0.22 -5.73
N GLU A 13 -3.71 -0.87 -6.83
CA GLU A 13 -5.06 -1.36 -7.11
C GLU A 13 -5.47 -2.34 -6.03
N ALA A 14 -4.58 -3.22 -5.65
CA ALA A 14 -4.94 -4.22 -4.66
C ALA A 14 -5.13 -3.56 -3.30
N ALA A 15 -4.33 -2.60 -2.89
CA ALA A 15 -4.44 -1.96 -1.62
C ALA A 15 -5.69 -1.10 -1.53
N GLU A 16 -6.06 -0.41 -2.59
CA GLU A 16 -7.29 0.42 -2.56
C GLU A 16 -8.58 -0.38 -2.53
N ARG A 17 -8.57 -1.66 -2.82
N ARG A 17 -8.50 -1.67 -2.86
CA ARG A 17 -9.77 -2.44 -2.72
CA ARG A 17 -9.59 -2.65 -2.80
C ARG A 17 -10.07 -2.79 -1.25
C ARG A 17 -9.89 -3.10 -1.36
N VAL A 18 -9.03 -2.74 -0.42
CA VAL A 18 -9.23 -3.08 1.01
C VAL A 18 -10.06 -2.03 1.71
N PRO A 19 -11.19 -2.43 2.34
CA PRO A 19 -11.91 -1.42 3.04
C PRO A 19 -11.12 -0.84 4.18
N GLY A 20 -11.23 0.46 4.38
CA GLY A 20 -10.48 1.20 5.34
C GLY A 20 -9.29 1.96 4.79
N VAL A 21 -8.88 1.62 3.57
CA VAL A 21 -7.79 2.32 2.92
C VAL A 21 -8.38 3.58 2.27
N ARG A 22 -7.71 4.69 2.57
CA ARG A 22 -8.01 5.98 2.00
C ARG A 22 -6.84 6.42 1.10
N GLY A 23 -6.69 5.70 0.05
CA GLY A 23 -5.59 5.95 -0.89
C GLY A 23 -4.26 5.41 -0.41
N VAL A 24 -3.37 5.30 -1.38
CA VAL A 24 -1.97 5.02 -1.10
C VAL A 24 -1.24 6.33 -1.18
N ILE A 25 -0.58 6.70 -0.06
CA ILE A 25 0.12 7.97 0.02
C ILE A 25 1.56 7.88 -0.50
N HIS A 26 2.28 6.81 -0.07
CA HIS A 26 3.71 6.62 -0.46
C HIS A 26 3.91 5.22 -0.85
N LEU A 27 4.71 5.00 -1.87
CA LEU A 27 5.06 3.65 -2.30
C LEU A 27 6.37 3.62 -3.02
N ARG A 28 7.25 2.72 -2.55
CA ARG A 28 8.46 2.51 -3.30
CA ARG A 28 8.61 2.52 -3.11
C ARG A 28 8.76 1.02 -3.31
N ALA A 29 9.25 0.59 -4.47
CA ALA A 29 9.45 -0.84 -4.73
C ALA A 29 10.66 -1.00 -5.60
N ARG A 30 11.23 -2.21 -5.49
CA ARG A 30 12.40 -2.52 -6.27
C ARG A 30 12.53 -4.00 -6.43
N TYR A 31 13.29 -4.36 -7.47
CA TYR A 31 13.61 -5.77 -7.67
C TYR A 31 14.86 -6.12 -6.91
N VAL A 32 14.85 -7.34 -6.35
CA VAL A 32 16.05 -7.97 -5.86
C VAL A 32 16.16 -9.33 -6.52
N GLY A 33 16.99 -9.47 -7.51
CA GLY A 33 16.87 -10.59 -8.42
C GLY A 33 15.50 -10.54 -9.12
N GLN A 34 14.75 -11.65 -9.02
CA GLN A 34 13.42 -11.75 -9.60
CA GLN A 34 13.42 -11.75 -9.60
C GLN A 34 12.33 -11.38 -8.62
N ASP A 35 12.71 -11.14 -7.37
CA ASP A 35 11.75 -10.86 -6.34
C ASP A 35 11.55 -9.32 -6.12
N ILE A 36 10.46 -8.96 -5.48
CA ILE A 36 10.15 -7.60 -5.25
C ILE A 36 10.14 -7.29 -3.78
N TRP A 37 10.74 -6.16 -3.39
N TRP A 37 10.74 -6.15 -3.45
CA TRP A 37 10.67 -5.64 -2.04
CA TRP A 37 10.72 -5.53 -2.14
C TRP A 37 10.03 -4.25 -2.11
C TRP A 37 9.86 -4.28 -2.26
N ALA A 38 9.06 -4.02 -1.21
CA ALA A 38 8.30 -2.76 -1.24
C ALA A 38 8.00 -2.21 0.14
N ASN A 39 7.85 -0.89 0.21
CA ASN A 39 7.48 -0.12 1.39
C ASN A 39 6.33 0.76 0.98
N MET A 40 5.25 0.74 1.74
CA MET A 40 4.02 1.49 1.37
CA MET A 40 4.16 1.64 1.41
C MET A 40 3.48 2.18 2.63
N ILE A 41 2.89 3.36 2.43
CA ILE A 41 2.10 4.04 3.44
C ILE A 41 0.73 4.30 2.80
N ILE A 42 -0.29 3.81 3.58
CA ILE A 42 -1.70 4.01 3.26
C ILE A 42 -2.34 5.16 4.04
N GLY A 43 -3.36 5.82 3.42
CA GLY A 43 -4.19 6.70 4.17
C GLY A 43 -5.24 5.93 4.94
N VAL A 44 -5.55 6.40 6.13
CA VAL A 44 -6.67 5.83 6.97
C VAL A 44 -7.44 6.93 7.63
N ASP A 45 -8.62 6.62 8.17
CA ASP A 45 -9.46 7.53 8.91
C ASP A 45 -8.66 8.04 10.09
N PRO A 46 -8.52 9.35 10.23
CA PRO A 46 -7.77 9.88 11.40
C PRO A 46 -8.34 9.48 12.75
N GLU A 47 -9.65 9.14 12.78
CA GLU A 47 -10.29 8.76 14.02
C GLU A 47 -10.11 7.30 14.40
N ASN A 48 -9.58 6.48 13.51
CA ASN A 48 -9.24 5.14 13.83
C ASN A 48 -8.21 5.21 14.95
N THR A 49 -8.18 4.24 15.85
CA THR A 49 -7.04 4.11 16.72
C THR A 49 -5.86 3.55 15.87
N VAL A 50 -4.64 3.70 16.39
CA VAL A 50 -3.49 3.14 15.73
C VAL A 50 -3.59 1.62 15.59
N GLU A 51 -4.10 1.00 16.67
CA GLU A 51 -4.38 -0.47 16.68
C GLU A 51 -5.31 -0.77 15.49
N GLN A 52 -6.39 -0.03 15.33
CA GLN A 52 -7.30 -0.26 14.22
C GLN A 52 -6.69 -0.05 12.90
N ALA A 53 -5.90 1.02 12.78
CA ALA A 53 -5.14 1.25 11.55
C ALA A 53 -4.27 0.10 11.21
N HIS A 54 -3.61 -0.46 12.22
CA HIS A 54 -2.78 -1.63 11.94
C HIS A 54 -3.51 -2.81 11.35
N GLU A 55 -4.72 -3.00 11.77
N GLU A 55 -4.75 -3.03 11.77
CA GLU A 55 -5.47 -4.09 11.21
CA GLU A 55 -5.61 -4.08 11.15
C GLU A 55 -5.75 -3.87 9.71
C GLU A 55 -5.71 -3.85 9.66
N ILE A 56 -5.87 -2.61 9.28
CA ILE A 56 -5.96 -2.24 7.87
C ILE A 56 -4.62 -2.52 7.19
N CYS A 57 -3.51 -2.15 7.85
CA CYS A 57 -2.16 -2.43 7.24
C CYS A 57 -2.03 -3.95 7.01
N GLU A 58 -2.50 -4.78 7.98
CA GLU A 58 -2.35 -6.24 7.86
C GLU A 58 -3.23 -6.74 6.74
N ALA A 59 -4.42 -6.18 6.55
CA ALA A 59 -5.26 -6.57 5.46
C ALA A 59 -4.70 -6.20 4.13
N VAL A 60 -4.05 -5.07 4.06
CA VAL A 60 -3.44 -4.61 2.81
C VAL A 60 -2.25 -5.55 2.50
N GLN A 61 -1.48 -5.86 3.55
CA GLN A 61 -0.36 -6.77 3.34
C GLN A 61 -0.82 -8.06 2.77
N ALA A 62 -1.87 -8.61 3.33
CA ALA A 62 -2.38 -9.88 2.88
C ALA A 62 -2.89 -9.84 1.48
N ALA A 63 -3.60 -8.81 1.13
CA ALA A 63 -4.16 -8.62 -0.19
C ALA A 63 -3.11 -8.46 -1.25
N VAL A 64 -2.13 -7.63 -0.94
CA VAL A 64 -1.06 -7.31 -1.93
C VAL A 64 -0.17 -8.53 -2.13
N CYS A 65 0.24 -9.13 -1.02
CA CYS A 65 1.17 -10.30 -1.11
C CYS A 65 0.44 -11.45 -1.80
N GLY A 66 -0.84 -11.57 -1.61
CA GLY A 66 -1.60 -12.62 -2.20
C GLY A 66 -1.88 -12.47 -3.68
N LYS A 67 -1.97 -11.22 -4.14
CA LYS A 67 -2.28 -10.98 -5.56
C LYS A 67 -0.99 -10.93 -6.39
N ILE A 68 0.14 -10.62 -5.76
CA ILE A 68 1.40 -10.44 -6.51
C ILE A 68 2.46 -11.37 -5.86
N ARG A 69 2.57 -12.59 -6.33
CA ARG A 69 3.47 -13.54 -5.64
C ARG A 69 4.99 -13.28 -5.76
N ARG A 70 5.40 -12.42 -6.69
CA ARG A 70 6.83 -12.04 -6.76
C ARG A 70 7.24 -11.09 -5.61
N ILE A 71 6.29 -10.65 -4.80
CA ILE A 71 6.65 -9.76 -3.70
C ILE A 71 7.13 -10.62 -2.57
N GLU A 72 8.39 -10.46 -2.21
CA GLU A 72 8.99 -11.22 -1.12
C GLU A 72 8.92 -10.52 0.23
N SER A 73 8.86 -9.21 0.21
CA SER A 73 8.76 -8.44 1.43
C SER A 73 8.08 -7.12 1.19
N LEU A 74 7.14 -6.86 2.07
CA LEU A 74 6.30 -5.75 2.00
C LEU A 74 6.05 -5.15 3.39
N HIS A 75 6.40 -3.88 3.59
CA HIS A 75 6.13 -3.18 4.86
C HIS A 75 5.05 -2.18 4.57
N VAL A 76 3.99 -2.25 5.32
CA VAL A 76 2.81 -1.38 5.21
C VAL A 76 2.62 -0.68 6.55
N SER A 77 2.44 0.66 6.50
CA SER A 77 2.03 1.42 7.68
C SER A 77 1.15 2.54 7.14
N ALA A 78 0.64 3.33 8.09
CA ALA A 78 -0.46 4.31 7.79
C ALA A 78 -0.19 5.75 8.17
N GLU A 79 -0.92 6.69 7.53
CA GLU A 79 -0.98 8.01 7.96
C GLU A 79 -2.46 8.45 7.86
N ALA A 80 -2.79 9.53 8.56
CA ALA A 80 -4.13 10.07 8.57
C ALA A 80 -4.46 10.64 7.26
N ARG A 81 -5.68 10.42 6.84
CA ARG A 81 -6.14 11.12 5.67
C ARG A 81 -7.63 11.38 5.78
N GLU A 82 -8.00 12.64 5.91
CA GLU A 82 -9.41 13.08 5.80
C GLU A 82 -9.99 12.89 4.40
N ILE A 83 -11.32 12.79 4.38
CA ILE A 83 -11.99 12.58 3.11
C ILE A 83 -11.81 13.91 2.39
N GLY A 84 -11.47 13.86 1.09
CA GLY A 84 -11.20 15.08 0.28
C GLY A 84 -9.89 15.79 0.63
N ASP A 85 -8.92 15.03 1.16
N ASP A 85 -8.93 15.00 1.14
CA ASP A 85 -7.67 15.61 1.60
CA ASP A 85 -7.60 15.50 1.52
C ASP A 85 -6.84 15.94 0.38
C ASP A 85 -6.90 15.98 0.27
N THR A 86 -6.33 17.16 0.32
CA THR A 86 -5.43 17.57 -0.77
C THR A 86 -4.08 17.94 -0.16
N THR A 87 -3.87 17.60 1.09
CA THR A 87 -2.65 17.91 1.83
C THR A 87 -1.55 16.93 1.78
N LYS A 88 -1.80 15.73 1.28
CA LYS A 88 -0.84 14.67 1.23
C LYS A 88 -0.82 14.12 -0.18
N PRO A 89 0.28 13.53 -0.59
CA PRO A 89 0.25 12.96 -1.93
C PRO A 89 -0.54 11.66 -1.92
N SER A 90 -0.87 11.29 -3.17
CA SER A 90 -1.51 10.00 -3.34
C SER A 90 -1.29 9.53 -4.75
N PHE A 91 -1.58 8.25 -4.92
CA PHE A 91 -1.60 7.65 -6.27
C PHE A 91 -3.06 7.66 -6.71
ZN ZN B . 3.84 10.77 4.62
ZN ZN C . 0.88 -6.60 12.39
ZN ZN D . 0.29 -0.80 10.72
C1 BME E . 4.91 -10.49 3.28
C2 BME E . 5.05 -11.12 1.89
O1 BME E . 6.04 -9.65 3.57
S2 BME E . 4.50 -10.05 0.55
C CO2 F . -13.89 4.75 9.48
O1 CO2 F . -13.69 4.26 10.49
O2 CO2 F . -14.12 5.31 8.51
#